data_3OZ9
#
_entry.id   3OZ9
#
_cell.length_a   41.373
_cell.length_b   61.539
_cell.length_c   154.373
_cell.angle_alpha   90.00
_cell.angle_beta   90.00
_cell.angle_gamma   90.00
#
_symmetry.space_group_name_H-M   'P 21 21 21'
#
loop_
_entity.id
_entity.type
_entity.pdbx_description
1 polymer 'Fab NC-1 kappa light chain'
2 polymer 'Fab NC-1 IgG2a heavy chain'
3 non-polymer GLYCEROL
4 water water
#
loop_
_entity_poly.entity_id
_entity_poly.type
_entity_poly.pdbx_seq_one_letter_code
_entity_poly.pdbx_strand_id
1 'polypeptide(L)'
;QIVLTQSPVIMSASLGEEITLTCSASSSVSYMHWYQQKSGTSPKLLIYSTSNLASGVPSRFSGSGSGTFYSLTISSVEAE
DAADYYCHQWSGFYTFGGGTKLEIQRADAAPTVSIFPPSSEQLTSGGASVVCFLNNFYPKDINVKWKIDGSERQNGVLNS
WTDQDSKDSTYSMSSTLTLTKDEYERHNSYTCEATHKTSTSPIVKSFNRNE
;
L
2 'polypeptide(L)'
;QVQLQQSGTELMKPGSSVKISCKATGYRFSSYWVEWVKQRPGHGLEWIGKILPGIGSTSYNEKFKGKATFTADTSSNTAY
MQLSSLTSEDSAVYYCARGYYGPTWFAYWGQGTLVTVSSAKTTAPSVYPLAPVCGDTTGSSVTLGCLVKGYFPEPVTLTW
NSGSLSSGVHTFPAVLQSDLYTLSSSVTVTSSTWPSQSITCNVAHPASSTKVDKKIEPR
;
H
#
loop_
_chem_comp.id
_chem_comp.type
_chem_comp.name
_chem_comp.formula
GOL non-polymer GLYCEROL 'C3 H8 O3'
#
# COMPACT_ATOMS: atom_id res chain seq x y z
N GLN A 1 9.48 14.72 -23.23
CA GLN A 1 10.86 14.48 -22.83
C GLN A 1 11.35 15.56 -21.87
N ILE A 2 10.43 16.32 -21.30
CA ILE A 2 10.79 17.22 -20.21
C ILE A 2 10.79 16.38 -18.93
N VAL A 3 11.96 16.26 -18.30
CA VAL A 3 12.09 15.48 -17.08
C VAL A 3 11.69 16.33 -15.88
N LEU A 4 10.85 15.77 -15.02
CA LEU A 4 10.43 16.44 -13.79
C LEU A 4 11.08 15.83 -12.57
N THR A 5 11.73 16.68 -11.78
CA THR A 5 12.45 16.24 -10.60
C THR A 5 11.81 16.83 -9.35
N GLN A 6 11.34 15.96 -8.46
CA GLN A 6 10.82 16.42 -7.18
C GLN A 6 11.81 16.10 -6.07
N SER A 7 12.29 17.14 -5.40
CA SER A 7 13.20 16.99 -4.28
C SER A 7 12.73 17.88 -3.17
N PRO A 8 12.88 17.43 -1.90
CA PRO A 8 13.40 16.12 -1.49
C PRO A 8 12.40 15.01 -1.80
N VAL A 9 12.88 13.78 -1.81
CA VAL A 9 12.03 12.63 -2.05
C VAL A 9 11.07 12.43 -0.88
N ILE A 10 11.54 12.71 0.33
CA ILE A 10 10.66 12.72 1.49
C ILE A 10 10.74 14.08 2.17
N MET A 11 9.59 14.71 2.35
CA MET A 11 9.55 16.00 3.03
CA MET A 11 9.52 16.02 3.01
C MET A 11 8.83 15.89 4.36
N SER A 12 9.50 16.35 5.41
CA SER A 12 8.93 16.33 6.75
C SER A 12 8.19 17.64 6.99
N ALA A 13 7.00 17.55 7.57
CA ALA A 13 6.25 18.76 7.89
C ALA A 13 5.57 18.62 9.23
N SER A 14 5.73 19.63 10.08
CA SER A 14 5.06 19.65 11.37
C SER A 14 3.60 20.04 11.18
N LEU A 15 2.74 19.53 12.07
CA LEU A 15 1.32 19.87 11.98
C LEU A 15 1.11 21.36 12.18
N GLY A 16 0.27 21.93 11.33
CA GLY A 16 -0.09 23.34 11.39
C GLY A 16 0.91 24.25 10.71
N GLU A 17 1.98 23.69 10.19
CA GLU A 17 2.97 24.51 9.51
C GLU A 17 2.64 24.58 8.03
N GLU A 18 3.20 25.58 7.36
CA GLU A 18 3.09 25.72 5.92
C GLU A 18 4.22 24.93 5.32
N ILE A 19 3.93 24.17 4.28
CA ILE A 19 4.99 23.45 3.59
C ILE A 19 4.81 23.62 2.10
N THR A 20 5.92 23.66 1.37
CA THR A 20 5.88 23.81 -0.07
C THR A 20 6.64 22.66 -0.72
N LEU A 21 5.91 21.86 -1.49
CA LEU A 21 6.53 20.81 -2.29
C LEU A 21 6.87 21.39 -3.65
N THR A 22 8.00 21.00 -4.22
CA THR A 22 8.44 21.60 -5.47
C THR A 22 8.73 20.59 -6.57
N CYS A 23 8.82 21.11 -7.79
CA CYS A 23 8.99 20.28 -8.96
C CYS A 23 9.83 21.10 -9.93
N SER A 24 11.00 20.58 -10.30
CA SER A 24 11.86 21.27 -11.24
C SER A 24 11.84 20.54 -12.57
N ALA A 25 11.76 21.29 -13.66
CA ALA A 25 11.71 20.72 -14.99
C ALA A 25 13.02 20.97 -15.74
N SER A 26 13.39 20.03 -16.59
CA SER A 26 14.66 20.12 -17.33
C SER A 26 14.62 21.21 -18.39
N SER A 27 13.41 21.66 -18.74
CA SER A 27 13.24 22.84 -19.58
C SER A 27 11.87 23.41 -19.29
N SER A 28 11.58 24.58 -19.84
CA SER A 28 10.39 25.34 -19.48
C SER A 28 9.09 24.57 -19.72
N VAL A 29 8.20 24.68 -18.74
CA VAL A 29 6.89 24.04 -18.74
C VAL A 29 5.80 25.10 -18.83
N SER A 30 4.75 24.82 -19.60
CA SER A 30 3.64 25.77 -19.75
C SER A 30 2.73 25.78 -18.52
N TYR A 31 2.28 24.60 -18.10
CA TYR A 31 1.43 24.49 -16.92
C TYR A 31 1.78 23.20 -16.22
N MET A 32 1.70 23.20 -14.88
CA MET A 32 1.94 21.99 -14.10
C MET A 32 0.67 21.56 -13.38
N HIS A 33 0.40 20.26 -13.33
CA HIS A 33 -0.71 19.73 -12.56
C HIS A 33 -0.14 18.93 -11.41
N TRP A 34 -0.95 18.72 -10.37
CA TRP A 34 -0.47 18.03 -9.18
C TRP A 34 -1.50 17.01 -8.69
N TYR A 35 -1.01 15.84 -8.27
CA TYR A 35 -1.88 14.78 -7.76
C TYR A 35 -1.44 14.35 -6.38
N GLN A 36 -2.42 13.92 -5.59
CA GLN A 36 -2.17 13.34 -4.27
C GLN A 36 -2.49 11.86 -4.35
N GLN A 37 -1.63 11.03 -3.78
CA GLN A 37 -1.93 9.62 -3.70
C GLN A 37 -1.77 9.17 -2.26
N LYS A 38 -2.90 8.95 -1.61
CA LYS A 38 -2.88 8.42 -0.26
C LYS A 38 -2.70 6.92 -0.33
N SER A 39 -2.24 6.34 0.76
CA SER A 39 -1.96 4.91 0.80
C SER A 39 -3.13 4.08 0.26
N GLY A 40 -2.83 3.21 -0.71
CA GLY A 40 -3.79 2.27 -1.23
C GLY A 40 -4.85 2.82 -2.17
N THR A 41 -4.69 4.08 -2.58
CA THR A 41 -5.68 4.72 -3.44
C THR A 41 -5.09 5.15 -4.78
N SER A 42 -5.95 5.49 -5.72
CA SER A 42 -5.53 6.04 -7.01
C SER A 42 -5.07 7.48 -6.82
N PRO A 43 -4.22 7.96 -7.71
CA PRO A 43 -3.89 9.39 -7.71
C PRO A 43 -5.16 10.23 -7.82
N LYS A 44 -5.18 11.35 -7.11
CA LYS A 44 -6.31 12.27 -7.14
C LYS A 44 -5.83 13.65 -7.52
N LEU A 45 -6.47 14.26 -8.52
CA LEU A 45 -6.10 15.63 -8.92
C LEU A 45 -6.31 16.62 -7.78
N LEU A 46 -5.27 17.39 -7.46
CA LEU A 46 -5.36 18.45 -6.46
C LEU A 46 -5.40 19.83 -7.13
N ILE A 47 -4.46 20.04 -8.05
CA ILE A 47 -4.28 21.33 -8.70
C ILE A 47 -4.11 21.09 -10.19
N TYR A 48 -4.83 21.86 -11.00
CA TYR A 48 -4.62 21.75 -12.44
C TYR A 48 -4.27 23.11 -13.02
N SER A 49 -3.53 23.11 -14.12
CA SER A 49 -3.17 24.34 -14.80
C SER A 49 -2.46 25.30 -13.86
N THR A 50 -1.51 24.74 -13.13
CA THR A 50 -0.60 25.45 -12.24
C THR A 50 -1.22 25.92 -10.93
N SER A 51 -2.44 26.47 -10.96
CA SER A 51 -2.98 27.08 -9.75
CA SER A 51 -2.99 27.10 -9.77
C SER A 51 -4.47 26.86 -9.53
N ASN A 52 -5.15 26.20 -10.47
CA ASN A 52 -6.58 25.96 -10.30
C ASN A 52 -6.81 24.83 -9.31
N LEU A 53 -7.67 25.08 -8.32
CA LEU A 53 -7.96 24.07 -7.32
C LEU A 53 -9.03 23.10 -7.86
N ALA A 54 -8.73 21.81 -7.81
CA ALA A 54 -9.69 20.81 -8.27
C ALA A 54 -10.91 20.78 -7.34
N SER A 55 -12.05 20.37 -7.89
CA SER A 55 -13.30 20.37 -7.13
CA SER A 55 -13.30 20.37 -7.13
C SER A 55 -13.20 19.51 -5.87
N GLY A 56 -13.66 20.07 -4.75
CA GLY A 56 -13.69 19.33 -3.50
C GLY A 56 -12.41 19.39 -2.70
N VAL A 57 -11.33 19.83 -3.33
CA VAL A 57 -10.04 19.90 -2.64
C VAL A 57 -10.03 21.11 -1.69
N PRO A 58 -9.54 20.91 -0.46
CA PRO A 58 -9.51 21.97 0.56
C PRO A 58 -8.69 23.16 0.09
N SER A 59 -9.10 24.34 0.49
CA SER A 59 -8.45 25.57 0.06
C SER A 59 -7.07 25.72 0.69
N ARG A 60 -6.67 24.80 1.56
CA ARG A 60 -5.32 24.88 2.12
C ARG A 60 -4.29 24.45 1.09
N PHE A 61 -4.76 23.89 -0.01
CA PHE A 61 -3.88 23.56 -1.13
C PHE A 61 -3.86 24.67 -2.16
N SER A 62 -2.67 25.04 -2.61
CA SER A 62 -2.53 26.01 -3.69
C SER A 62 -1.33 25.67 -4.55
N GLY A 63 -1.29 26.21 -5.74
CA GLY A 63 -0.19 25.94 -6.65
C GLY A 63 0.33 27.21 -7.29
N SER A 64 1.61 27.20 -7.63
CA SER A 64 2.23 28.33 -8.27
C SER A 64 3.40 27.82 -9.09
N GLY A 65 3.94 28.66 -9.96
CA GLY A 65 5.15 28.29 -10.65
C GLY A 65 5.24 28.98 -11.98
N SER A 66 6.40 28.84 -12.60
CA SER A 66 6.65 29.42 -13.92
C SER A 66 7.95 28.85 -14.44
N GLY A 67 8.08 28.75 -15.76
CA GLY A 67 9.34 28.32 -16.34
C GLY A 67 9.70 26.90 -15.96
N THR A 68 10.84 26.73 -15.31
CA THR A 68 11.30 25.39 -14.93
C THR A 68 10.99 25.02 -13.49
N PHE A 69 10.25 25.85 -12.78
CA PHE A 69 10.07 25.58 -11.36
C PHE A 69 8.66 25.82 -10.85
N TYR A 70 8.09 24.78 -10.24
CA TYR A 70 6.70 24.81 -9.81
C TYR A 70 6.53 24.33 -8.37
N SER A 71 5.48 24.82 -7.72
CA SER A 71 5.32 24.64 -6.29
C SER A 71 3.89 24.27 -5.93
N LEU A 72 3.76 23.35 -4.97
CA LEU A 72 2.47 23.02 -4.39
C LEU A 72 2.57 23.35 -2.91
N THR A 73 1.71 24.24 -2.45
CA THR A 73 1.79 24.69 -1.07
C THR A 73 0.60 24.22 -0.25
N ILE A 74 0.88 23.73 0.95
CA ILE A 74 -0.17 23.41 1.91
C ILE A 74 -0.06 24.40 3.06
N SER A 75 -1.10 25.20 3.28
CA SER A 75 -0.99 26.36 4.16
C SER A 75 -0.89 25.99 5.64
N SER A 76 -1.57 24.91 6.02
CA SER A 76 -1.54 24.43 7.38
C SER A 76 -1.68 22.92 7.33
N VAL A 77 -0.56 22.23 7.49
CA VAL A 77 -0.52 20.79 7.29
C VAL A 77 -1.36 20.06 8.33
N GLU A 78 -2.14 19.08 7.86
CA GLU A 78 -2.94 18.25 8.73
C GLU A 78 -2.55 16.78 8.57
N ALA A 79 -2.94 15.95 9.53
CA ALA A 79 -2.52 14.55 9.52
C ALA A 79 -2.95 13.84 8.23
N GLU A 80 -4.12 14.19 7.71
CA GLU A 80 -4.64 13.50 6.52
C GLU A 80 -3.86 13.84 5.26
N ASP A 81 -2.96 14.82 5.37
CA ASP A 81 -2.12 15.17 4.22
C ASP A 81 -0.95 14.21 4.01
N ALA A 82 -0.77 13.23 4.90
CA ALA A 82 0.23 12.21 4.69
C ALA A 82 -0.08 11.47 3.39
N ALA A 83 0.83 11.55 2.44
CA ALA A 83 0.56 11.06 1.09
C ALA A 83 1.77 11.25 0.20
N ASP A 84 1.71 10.66 -0.98
CA ASP A 84 2.66 10.98 -2.04
C ASP A 84 2.05 12.03 -2.94
N TYR A 85 2.88 12.93 -3.45
CA TYR A 85 2.41 14.02 -4.31
C TYR A 85 3.22 14.00 -5.59
N TYR A 86 2.54 14.15 -6.73
CA TYR A 86 3.21 14.07 -8.03
C TYR A 86 2.90 15.28 -8.87
N CYS A 87 3.91 15.79 -9.57
CA CYS A 87 3.68 16.82 -10.57
C CYS A 87 3.62 16.18 -11.95
N HIS A 88 3.09 16.92 -12.91
CA HIS A 88 2.66 16.35 -14.18
C HIS A 88 2.64 17.47 -15.20
N GLN A 89 3.22 17.25 -16.37
CA GLN A 89 3.12 18.25 -17.44
C GLN A 89 3.08 17.57 -18.80
N TRP A 90 2.82 18.35 -19.85
CA TRP A 90 2.82 17.83 -21.22
C TRP A 90 3.70 18.67 -22.12
N SER A 91 4.63 18.03 -22.81
CA SER A 91 5.37 18.67 -23.88
C SER A 91 5.67 17.58 -24.91
N GLY A 92 4.81 17.49 -25.92
CA GLY A 92 4.88 16.39 -26.87
C GLY A 92 4.21 15.13 -26.33
N PHE A 93 4.54 14.79 -25.09
CA PHE A 93 3.82 13.75 -24.36
C PHE A 93 3.92 14.04 -22.87
N TYR A 94 3.20 13.28 -22.07
CA TYR A 94 3.13 13.56 -20.64
C TYR A 94 4.31 12.98 -19.90
N THR A 95 4.81 13.74 -18.93
CA THR A 95 5.74 13.19 -17.96
C THR A 95 5.28 13.53 -16.55
N PHE A 96 5.70 12.71 -15.59
CA PHE A 96 5.42 12.93 -14.18
C PHE A 96 6.71 13.04 -13.40
N GLY A 97 6.68 13.79 -12.30
CA GLY A 97 7.78 13.77 -11.34
C GLY A 97 7.83 12.42 -10.64
N GLY A 98 8.94 12.16 -9.94
CA GLY A 98 9.13 10.89 -9.27
C GLY A 98 8.35 10.81 -7.98
N GLY A 99 7.77 11.93 -7.58
CA GLY A 99 6.95 12.00 -6.37
C GLY A 99 7.70 12.42 -5.12
N THR A 100 7.00 13.15 -4.25
CA THR A 100 7.53 13.45 -2.92
C THR A 100 6.55 12.92 -1.89
N LYS A 101 7.07 12.21 -0.89
CA LYS A 101 6.21 11.78 0.21
C LYS A 101 6.20 12.85 1.29
N LEU A 102 5.01 13.29 1.65
CA LEU A 102 4.87 14.20 2.77
C LEU A 102 4.77 13.36 4.02
N GLU A 103 5.75 13.54 4.89
CA GLU A 103 5.83 12.80 6.13
C GLU A 103 5.48 13.77 7.24
N ILE A 104 4.47 13.42 8.04
CA ILE A 104 3.98 14.30 9.10
C ILE A 104 4.83 14.15 10.36
N GLN A 105 5.49 15.23 10.78
CA GLN A 105 6.34 15.14 11.95
C GLN A 105 5.55 15.39 13.23
N ARG A 106 4.86 14.36 13.71
CA ARG A 106 4.14 14.44 14.98
C ARG A 106 5.15 14.27 16.12
N ALA A 107 4.66 14.31 17.35
CA ALA A 107 5.52 14.09 18.51
C ALA A 107 6.08 12.66 18.52
N ASP A 108 7.34 12.51 18.93
CA ASP A 108 7.90 11.16 19.03
C ASP A 108 7.02 10.30 19.91
N ALA A 109 6.84 9.05 19.52
CA ALA A 109 6.00 8.11 20.23
C ALA A 109 6.66 6.74 20.34
N ALA A 110 6.71 6.20 21.55
CA ALA A 110 7.26 4.86 21.75
C ALA A 110 6.32 3.76 21.24
N PRO A 111 6.88 2.62 20.83
CA PRO A 111 6.02 1.53 20.36
C PRO A 111 5.32 0.80 21.48
N THR A 112 4.15 0.24 21.18
CA THR A 112 3.48 -0.70 22.07
C THR A 112 3.70 -2.09 21.50
N VAL A 113 4.33 -2.96 22.30
CA VAL A 113 4.76 -4.27 21.80
C VAL A 113 3.84 -5.38 22.28
N SER A 114 3.45 -6.26 21.35
CA SER A 114 2.65 -7.43 21.69
C SER A 114 3.29 -8.66 21.05
N ILE A 115 3.39 -9.77 21.80
CA ILE A 115 4.00 -10.98 21.23
C ILE A 115 2.98 -12.14 21.18
N PHE A 116 3.09 -12.98 20.15
CA PHE A 116 2.14 -14.09 19.96
C PHE A 116 2.83 -15.39 19.60
N PRO A 117 2.61 -16.42 20.41
CA PRO A 117 3.15 -17.75 20.11
C PRO A 117 2.46 -18.37 18.89
N PRO A 118 3.04 -19.44 18.34
CA PRO A 118 2.44 -20.18 17.23
C PRO A 118 1.06 -20.65 17.60
N SER A 119 0.17 -20.67 16.61
CA SER A 119 -1.16 -21.23 16.78
C SER A 119 -1.08 -22.74 16.78
N SER A 120 -2.03 -23.39 17.43
CA SER A 120 -2.09 -24.84 17.40
C SER A 120 -2.27 -25.33 15.96
N GLU A 121 -3.04 -24.59 15.17
CA GLU A 121 -3.26 -24.93 13.78
C GLU A 121 -1.95 -25.01 13.01
N GLN A 122 -1.09 -24.01 13.16
CA GLN A 122 0.16 -24.01 12.45
C GLN A 122 1.08 -25.14 12.92
N LEU A 123 1.11 -25.35 14.24
CA LEU A 123 1.97 -26.37 14.84
C LEU A 123 1.64 -27.76 14.31
N THR A 124 0.35 -28.00 14.08
CA THR A 124 -0.10 -29.26 13.51
C THR A 124 0.53 -29.47 12.13
N SER A 125 0.71 -28.37 11.39
CA SER A 125 1.30 -28.42 10.06
C SER A 125 2.83 -28.50 10.09
N GLY A 126 3.41 -28.48 11.28
CA GLY A 126 4.85 -28.61 11.41
C GLY A 126 5.59 -27.30 11.26
N GLY A 127 4.86 -26.20 11.38
CA GLY A 127 5.48 -24.88 11.35
C GLY A 127 5.25 -24.12 12.65
N ALA A 128 6.08 -23.10 12.88
CA ALA A 128 5.97 -22.34 14.12
C ALA A 128 6.42 -20.90 13.90
N SER A 129 5.46 -20.01 13.65
CA SER A 129 5.78 -18.60 13.56
C SER A 129 5.48 -17.90 14.87
N VAL A 130 6.41 -17.08 15.33
CA VAL A 130 6.18 -16.22 16.46
C VAL A 130 6.02 -14.81 15.90
N VAL A 131 4.99 -14.10 16.33
CA VAL A 131 4.69 -12.78 15.79
C VAL A 131 4.82 -11.70 16.85
N CYS A 132 5.45 -10.60 16.47
CA CYS A 132 5.57 -9.44 17.33
CA CYS A 132 5.57 -9.43 17.33
C CYS A 132 5.02 -8.22 16.61
N PHE A 133 4.04 -7.57 17.22
CA PHE A 133 3.51 -6.31 16.70
C PHE A 133 4.13 -5.15 17.47
N LEU A 134 4.66 -4.17 16.74
CA LEU A 134 5.16 -2.91 17.30
C LEU A 134 4.22 -1.81 16.82
N ASN A 135 3.33 -1.36 17.70
CA ASN A 135 2.23 -0.50 17.24
C ASN A 135 2.31 0.97 17.68
N ASN A 136 1.90 1.84 16.77
CA ASN A 136 1.72 3.27 17.03
C ASN A 136 2.93 4.03 17.54
N PHE A 137 4.03 3.95 16.79
CA PHE A 137 5.25 4.66 17.16
C PHE A 137 5.62 5.73 16.13
N TYR A 138 6.49 6.65 16.54
CA TYR A 138 7.01 7.67 15.63
C TYR A 138 8.36 8.15 16.14
N PRO A 139 9.36 8.32 15.24
CA PRO A 139 9.35 8.17 13.78
C PRO A 139 9.39 6.71 13.32
N LYS A 140 9.49 6.51 12.01
CA LYS A 140 9.30 5.21 11.40
C LYS A 140 10.40 4.18 11.64
N ASP A 141 11.66 4.63 11.69
CA ASP A 141 12.72 3.66 11.87
CA ASP A 141 12.76 3.71 11.90
C ASP A 141 12.61 2.98 13.23
N ILE A 142 12.77 1.68 13.22
CA ILE A 142 12.70 0.93 14.47
C ILE A 142 13.45 -0.35 14.26
N ASN A 143 14.05 -0.85 15.32
CA ASN A 143 14.79 -2.10 15.27
CA ASN A 143 14.79 -2.10 15.26
C ASN A 143 14.06 -3.17 16.05
N VAL A 144 13.94 -4.35 15.48
CA VAL A 144 13.38 -5.48 16.21
C VAL A 144 14.44 -6.56 16.32
N LYS A 145 14.58 -7.10 17.52
CA LYS A 145 15.56 -8.16 17.74
C LYS A 145 14.85 -9.34 18.38
N TRP A 146 15.00 -10.51 17.77
CA TRP A 146 14.41 -11.73 18.31
C TRP A 146 15.45 -12.47 19.12
N LYS A 147 15.07 -12.96 20.29
CA LYS A 147 15.97 -13.78 21.08
C LYS A 147 15.27 -15.08 21.43
N ILE A 148 16.01 -16.17 21.29
CA ILE A 148 15.52 -17.50 21.61
C ILE A 148 16.41 -18.04 22.71
N ASP A 149 15.82 -18.32 23.87
CA ASP A 149 16.60 -18.69 25.04
C ASP A 149 17.75 -17.72 25.30
N GLY A 150 17.53 -16.44 24.98
CA GLY A 150 18.47 -15.39 25.29
C GLY A 150 19.46 -15.02 24.21
N SER A 151 19.48 -15.78 23.11
CA SER A 151 20.43 -15.51 22.02
C SER A 151 19.72 -14.97 20.79
N GLU A 152 20.27 -13.92 20.18
CA GLU A 152 19.67 -13.35 18.98
C GLU A 152 19.54 -14.37 17.86
N ARG A 153 18.38 -14.34 17.22
CA ARG A 153 18.11 -15.15 16.05
C ARG A 153 17.82 -14.21 14.88
N GLN A 154 18.52 -14.39 13.77
CA GLN A 154 18.39 -13.46 12.65
C GLN A 154 17.69 -14.03 11.41
N ASN A 155 17.88 -15.31 11.14
CA ASN A 155 17.25 -15.90 9.98
C ASN A 155 15.79 -16.27 10.22
N GLY A 156 14.97 -16.18 9.18
CA GLY A 156 13.57 -16.54 9.26
C GLY A 156 12.67 -15.41 9.72
N VAL A 157 13.18 -14.18 9.69
CA VAL A 157 12.41 -13.01 10.14
C VAL A 157 11.85 -12.23 8.97
N LEU A 158 10.56 -11.92 9.02
CA LEU A 158 9.92 -11.11 8.00
C LEU A 158 9.29 -9.88 8.65
N ASN A 159 9.67 -8.70 8.19
CA ASN A 159 9.19 -7.46 8.79
C ASN A 159 8.35 -6.66 7.83
N SER A 160 7.32 -6.00 8.34
CA SER A 160 6.48 -5.18 7.48
C SER A 160 5.99 -3.94 8.21
N TRP A 161 6.25 -2.78 7.62
CA TRP A 161 5.80 -1.50 8.18
C TRP A 161 4.52 -1.05 7.51
N THR A 162 3.62 -0.47 8.29
CA THR A 162 2.47 0.22 7.70
C THR A 162 2.92 1.57 7.15
N ASP A 163 2.07 2.15 6.33
CA ASP A 163 2.28 3.52 5.88
C ASP A 163 1.83 4.42 7.02
N GLN A 164 2.27 5.66 6.99
CA GLN A 164 1.89 6.58 8.06
C GLN A 164 0.38 6.73 8.22
N ASP A 165 -0.08 6.64 9.47
CA ASP A 165 -1.51 6.69 9.76
C ASP A 165 -2.09 8.07 9.43
N SER A 166 -3.25 8.09 8.78
CA SER A 166 -3.85 9.34 8.33
C SER A 166 -4.48 10.16 9.44
N LYS A 167 -4.67 9.54 10.60
CA LYS A 167 -5.31 10.21 11.73
C LYS A 167 -4.31 10.58 12.81
N ASP A 168 -3.48 9.63 13.24
CA ASP A 168 -2.55 9.90 14.34
C ASP A 168 -1.09 10.00 13.93
N SER A 169 -0.82 9.90 12.64
CA SER A 169 0.53 10.08 12.10
C SER A 169 1.57 9.13 12.67
N THR A 170 1.14 8.00 13.23
CA THR A 170 2.10 6.98 13.67
C THR A 170 2.36 5.91 12.63
N TYR A 171 3.32 5.05 12.94
CA TYR A 171 3.58 3.86 12.15
C TYR A 171 3.40 2.65 13.04
N SER A 172 3.21 1.50 12.41
CA SER A 172 3.28 0.25 13.14
C SER A 172 4.09 -0.71 12.31
N MET A 173 4.63 -1.74 12.94
CA MET A 173 5.27 -2.76 12.14
C MET A 173 5.09 -4.12 12.76
N SER A 174 5.11 -5.13 11.90
CA SER A 174 4.91 -6.50 12.32
C SER A 174 6.16 -7.30 11.97
N SER A 175 6.63 -8.08 12.93
CA SER A 175 7.78 -8.95 12.73
C SER A 175 7.36 -10.38 12.98
N THR A 176 7.62 -11.25 12.01
CA THR A 176 7.28 -12.66 12.12
C THR A 176 8.54 -13.50 12.02
N LEU A 177 8.80 -14.27 13.07
CA LEU A 177 9.93 -15.21 13.09
C LEU A 177 9.37 -16.60 12.81
N THR A 178 9.77 -17.18 11.69
CA THR A 178 9.23 -18.49 11.32
C THR A 178 10.26 -19.59 11.50
N LEU A 179 9.89 -20.56 12.34
CA LEU A 179 10.74 -21.70 12.64
C LEU A 179 10.02 -22.98 12.21
N THR A 180 10.73 -24.10 12.19
CA THR A 180 10.04 -25.38 12.08
C THR A 180 9.48 -25.70 13.45
N LYS A 181 8.50 -26.60 13.51
CA LYS A 181 7.98 -27.03 14.81
C LYS A 181 9.10 -27.62 15.66
N ASP A 182 9.98 -28.39 15.03
CA ASP A 182 11.10 -29.00 15.75
C ASP A 182 12.04 -27.93 16.32
N GLU A 183 12.38 -26.94 15.50
CA GLU A 183 13.26 -25.87 15.97
C GLU A 183 12.60 -25.13 17.12
N TYR A 184 11.29 -24.92 17.03
CA TYR A 184 10.55 -24.22 18.06
C TYR A 184 10.54 -25.01 19.38
N GLU A 185 10.36 -26.33 19.27
CA GLU A 185 10.36 -27.19 20.46
C GLU A 185 11.77 -27.38 21.05
N ARG A 186 12.79 -26.99 20.30
CA ARG A 186 14.17 -27.09 20.77
C ARG A 186 14.50 -26.08 21.86
N HIS A 187 13.71 -25.00 21.94
CA HIS A 187 14.00 -23.92 22.88
C HIS A 187 12.78 -23.52 23.66
N ASN A 188 12.94 -22.62 24.63
CA ASN A 188 11.87 -22.32 25.56
C ASN A 188 11.44 -20.86 25.60
N SER A 189 12.40 -19.95 25.77
CA SER A 189 12.10 -18.54 25.94
C SER A 189 12.11 -17.82 24.59
N TYR A 190 11.01 -17.14 24.28
CA TYR A 190 10.91 -16.38 23.03
C TYR A 190 10.65 -14.91 23.34
N THR A 191 11.54 -14.04 22.84
CA THR A 191 11.53 -12.64 23.20
C THR A 191 11.66 -11.75 21.98
N CYS A 192 10.86 -10.69 21.95
CA CYS A 192 11.05 -9.69 20.91
CA CYS A 192 10.89 -9.66 20.91
C CYS A 192 11.35 -8.36 21.57
N GLU A 193 12.41 -7.73 21.08
CA GLU A 193 12.89 -6.49 21.67
C GLU A 193 12.85 -5.38 20.63
N ALA A 194 12.15 -4.30 20.97
CA ALA A 194 12.03 -3.17 20.06
C ALA A 194 12.92 -2.03 20.54
N THR A 195 13.82 -1.58 19.67
CA THR A 195 14.64 -0.42 19.99
C THR A 195 14.30 0.73 19.06
N HIS A 196 13.86 1.84 19.66
CA HIS A 196 13.32 2.97 18.93
C HIS A 196 13.98 4.26 19.42
N LYS A 197 14.01 5.28 18.57
CA LYS A 197 14.61 6.58 18.89
C LYS A 197 14.20 7.10 20.25
N THR A 198 12.99 6.76 20.66
CA THR A 198 12.43 7.30 21.91
C THR A 198 13.17 6.85 23.15
N SER A 199 13.92 5.75 23.06
CA SER A 199 14.73 5.32 24.20
C SER A 199 15.88 4.37 23.84
N THR A 200 16.96 4.48 24.59
CA THR A 200 18.04 3.52 24.44
C THR A 200 17.66 2.20 25.10
N SER A 201 16.61 2.21 25.91
CA SER A 201 16.09 0.98 26.53
C SER A 201 15.19 0.22 25.56
N PRO A 202 15.43 -1.08 25.38
CA PRO A 202 14.57 -1.83 24.47
C PRO A 202 13.20 -2.08 25.09
N ILE A 203 12.16 -2.07 24.27
CA ILE A 203 10.80 -2.31 24.72
C ILE A 203 10.50 -3.78 24.42
N VAL A 204 10.26 -4.57 25.46
CA VAL A 204 10.33 -6.01 25.33
C VAL A 204 9.02 -6.75 25.65
N LYS A 205 8.79 -7.84 24.95
CA LYS A 205 7.76 -8.82 25.32
C LYS A 205 8.31 -10.23 25.16
N SER A 206 7.92 -11.13 26.05
CA SER A 206 8.48 -12.47 26.07
C SER A 206 7.42 -13.48 26.47
N PHE A 207 7.63 -14.74 26.08
CA PHE A 207 6.88 -15.84 26.67
C PHE A 207 7.75 -17.09 26.69
N ASN A 208 7.34 -18.11 27.45
CA ASN A 208 8.01 -19.40 27.43
C ASN A 208 7.13 -20.47 26.81
N ARG A 209 7.68 -21.22 25.86
CA ARG A 209 6.91 -22.25 25.16
C ARG A 209 6.26 -23.22 26.13
N ASN A 210 7.01 -23.66 27.14
CA ASN A 210 6.51 -24.69 28.05
C ASN A 210 5.51 -24.17 29.07
N GLU A 211 4.93 -23.01 28.79
CA GLU A 211 3.94 -22.40 29.66
C GLU A 211 2.71 -21.97 28.88
N GLN B 1 -21.17 10.81 -11.15
CA GLN B 1 -21.31 11.07 -12.58
C GLN B 1 -20.26 10.32 -13.39
N VAL B 2 -19.12 10.96 -13.65
CA VAL B 2 -18.05 10.29 -14.40
C VAL B 2 -17.38 9.22 -13.54
N GLN B 3 -17.29 8.01 -14.09
CA GLN B 3 -16.55 6.95 -13.44
C GLN B 3 -15.78 6.13 -14.46
N LEU B 4 -14.58 5.73 -14.07
CA LEU B 4 -13.78 4.80 -14.86
C LEU B 4 -13.61 3.56 -14.02
N GLN B 5 -14.08 2.43 -14.55
CA GLN B 5 -14.09 1.19 -13.80
C GLN B 5 -13.20 0.17 -14.47
N GLN B 6 -12.15 -0.26 -13.79
CA GLN B 6 -11.17 -1.17 -14.40
C GLN B 6 -11.42 -2.62 -14.02
N SER B 7 -10.92 -3.51 -14.86
CA SER B 7 -10.97 -4.94 -14.61
C SER B 7 -10.09 -5.33 -13.44
N GLY B 8 -10.27 -6.57 -12.97
CA GLY B 8 -9.63 -7.04 -11.75
C GLY B 8 -8.17 -7.45 -11.85
N THR B 9 -7.62 -7.81 -10.70
CA THR B 9 -6.23 -8.23 -10.60
C THR B 9 -5.87 -9.37 -11.56
N GLU B 10 -4.66 -9.31 -12.11
CA GLU B 10 -4.18 -10.32 -13.03
C GLU B 10 -2.89 -10.93 -12.52
N LEU B 11 -2.70 -12.22 -12.82
CA LEU B 11 -1.41 -12.88 -12.68
C LEU B 11 -1.15 -13.59 -13.99
N MET B 12 0.00 -13.33 -14.59
CA MET B 12 0.32 -13.97 -15.85
CA MET B 12 0.34 -13.88 -15.90
C MET B 12 1.79 -14.35 -15.90
N LYS B 13 2.09 -15.38 -16.68
CA LYS B 13 3.46 -15.89 -16.73
C LYS B 13 4.31 -15.06 -17.69
N PRO B 14 5.64 -15.07 -17.49
CA PRO B 14 6.49 -14.33 -18.41
C PRO B 14 6.29 -14.79 -19.85
N GLY B 15 6.29 -13.82 -20.77
CA GLY B 15 6.07 -14.09 -22.17
C GLY B 15 4.63 -13.99 -22.64
N SER B 16 3.69 -14.00 -21.70
CA SER B 16 2.28 -14.01 -22.08
C SER B 16 1.76 -12.58 -22.23
N SER B 17 0.45 -12.45 -22.27
CA SER B 17 -0.18 -11.14 -22.45
CA SER B 17 -0.18 -11.14 -22.45
C SER B 17 -1.29 -10.94 -21.44
N VAL B 18 -1.65 -9.69 -21.20
CA VAL B 18 -2.78 -9.37 -20.35
C VAL B 18 -3.57 -8.27 -21.06
N LYS B 19 -4.89 -8.28 -20.87
CA LYS B 19 -5.75 -7.24 -21.43
C LYS B 19 -6.55 -6.62 -20.29
N ILE B 20 -6.32 -5.34 -20.02
CA ILE B 20 -6.97 -4.65 -18.94
C ILE B 20 -8.06 -3.78 -19.52
N SER B 21 -9.23 -3.77 -18.91
CA SER B 21 -10.32 -2.95 -19.44
C SER B 21 -10.59 -1.76 -18.55
N CYS B 22 -11.17 -0.74 -19.16
CA CYS B 22 -11.52 0.50 -18.48
C CYS B 22 -12.89 0.89 -19.02
N LYS B 23 -13.91 0.68 -18.19
CA LYS B 23 -15.29 0.98 -18.55
C LYS B 23 -15.64 2.40 -18.10
N ALA B 24 -16.00 3.23 -19.07
CA ALA B 24 -16.28 4.64 -18.82
C ALA B 24 -17.78 4.87 -18.76
N THR B 25 -18.22 5.59 -17.73
CA THR B 25 -19.63 5.96 -17.63
C THR B 25 -19.75 7.43 -17.25
N GLY B 26 -20.91 8.01 -17.54
CA GLY B 26 -21.22 9.37 -17.11
C GLY B 26 -20.86 10.50 -18.07
N TYR B 27 -20.38 10.16 -19.26
CA TYR B 27 -20.02 11.16 -20.24
C TYR B 27 -19.96 10.55 -21.63
N ARG B 28 -19.82 11.40 -22.65
CA ARG B 28 -19.74 10.93 -24.02
C ARG B 28 -18.37 10.30 -24.31
N PHE B 29 -18.36 8.99 -24.45
CA PHE B 29 -17.11 8.20 -24.53
C PHE B 29 -16.15 8.69 -25.60
N SER B 30 -16.67 9.08 -26.75
CA SER B 30 -15.82 9.46 -27.88
C SER B 30 -15.25 10.88 -27.80
N SER B 31 -15.65 11.63 -26.78
CA SER B 31 -15.28 13.05 -26.68
C SER B 31 -13.88 13.26 -26.11
N TYR B 32 -13.38 12.27 -25.38
CA TYR B 32 -12.13 12.46 -24.63
C TYR B 32 -11.22 11.26 -24.79
N TRP B 33 -9.92 11.52 -24.66
CA TRP B 33 -8.94 10.46 -24.75
C TRP B 33 -8.91 9.67 -23.45
N VAL B 34 -8.76 8.35 -23.58
CA VAL B 34 -8.52 7.51 -22.41
C VAL B 34 -7.01 7.35 -22.26
N GLU B 35 -6.47 7.82 -21.13
CA GLU B 35 -5.04 7.77 -20.86
C GLU B 35 -4.73 6.50 -20.09
N TRP B 36 -3.53 5.98 -20.26
CA TRP B 36 -3.08 4.87 -19.45
C TRP B 36 -1.76 5.17 -18.73
N VAL B 37 -1.69 4.82 -17.46
CA VAL B 37 -0.58 5.16 -16.60
C VAL B 37 -0.07 3.91 -15.87
N LYS B 38 1.25 3.79 -15.76
CA LYS B 38 1.85 2.65 -15.08
C LYS B 38 2.45 3.11 -13.75
N GLN B 39 2.26 2.31 -12.70
CA GLN B 39 2.90 2.60 -11.45
C GLN B 39 3.54 1.36 -10.85
N ARG B 40 4.87 1.31 -10.86
CA ARG B 40 5.58 0.28 -10.11
C ARG B 40 5.95 0.83 -8.73
N PRO B 41 5.88 -0.04 -7.71
CA PRO B 41 6.12 0.21 -6.28
C PRO B 41 7.06 1.36 -5.92
N GLY B 42 8.03 1.69 -6.78
CA GLY B 42 8.96 2.76 -6.47
C GLY B 42 9.53 3.52 -7.66
N HIS B 43 8.76 3.58 -8.74
CA HIS B 43 9.19 4.31 -9.95
C HIS B 43 8.21 5.41 -10.31
N GLY B 44 7.43 5.87 -9.33
CA GLY B 44 6.46 6.92 -9.58
C GLY B 44 5.43 6.53 -10.62
N LEU B 45 4.96 7.52 -11.36
CA LEU B 45 3.95 7.31 -12.38
C LEU B 45 4.55 7.49 -13.76
N GLU B 46 4.15 6.63 -14.69
CA GLU B 46 4.67 6.69 -16.05
C GLU B 46 3.50 6.70 -17.02
N TRP B 47 3.50 7.62 -17.98
CA TRP B 47 2.44 7.67 -18.99
C TRP B 47 2.73 6.69 -20.11
N ILE B 48 1.79 5.78 -20.35
CA ILE B 48 1.98 4.74 -21.35
C ILE B 48 1.53 5.22 -22.72
N GLY B 49 0.34 5.83 -22.76
CA GLY B 49 -0.24 6.26 -24.01
C GLY B 49 -1.72 6.57 -23.87
N LYS B 50 -2.37 6.83 -24.99
CA LYS B 50 -3.78 7.17 -24.96
C LYS B 50 -4.51 6.72 -26.22
N ILE B 51 -5.82 6.56 -26.10
CA ILE B 51 -6.65 6.24 -27.25
C ILE B 51 -7.90 7.11 -27.26
N LEU B 52 -8.32 7.51 -28.44
CA LEU B 52 -9.55 8.30 -28.58
C LEU B 52 -10.65 7.39 -29.11
N PRO B 53 -11.63 7.03 -28.25
CA PRO B 53 -12.67 6.09 -28.72
C PRO B 53 -13.48 6.69 -29.88
N GLY B 54 -13.95 5.81 -30.75
CA GLY B 54 -14.67 6.23 -31.95
C GLY B 54 -13.74 6.17 -33.13
N ILE B 55 -13.03 7.27 -33.38
CA ILE B 55 -12.02 7.31 -34.43
C ILE B 55 -10.95 6.26 -34.17
N GLY B 56 -10.61 6.06 -32.91
CA GLY B 56 -9.65 5.04 -32.53
C GLY B 56 -8.20 5.48 -32.64
N SER B 57 -7.97 6.79 -32.74
CA SER B 57 -6.63 7.34 -32.80
C SER B 57 -5.88 6.90 -31.56
N THR B 58 -4.59 6.61 -31.71
CA THR B 58 -3.77 6.23 -30.57
C THR B 58 -2.48 7.04 -30.56
N SER B 59 -1.96 7.23 -29.36
CA SER B 59 -0.64 7.83 -29.18
C SER B 59 0.10 7.05 -28.10
N TYR B 60 1.33 6.62 -28.42
CA TYR B 60 2.12 5.85 -27.47
C TYR B 60 3.39 6.56 -27.02
N ASN B 61 3.69 6.43 -25.73
CA ASN B 61 5.01 6.76 -25.23
C ASN B 61 6.01 5.85 -25.95
N GLU B 62 7.07 6.41 -26.51
CA GLU B 62 8.05 5.62 -27.25
C GLU B 62 8.49 4.39 -26.46
N LYS B 63 8.63 4.56 -25.15
CA LYS B 63 9.11 3.50 -24.28
C LYS B 63 8.18 2.28 -24.27
N PHE B 64 6.92 2.48 -24.66
CA PHE B 64 5.92 1.42 -24.56
C PHE B 64 5.43 0.94 -25.92
N LYS B 65 5.99 1.48 -26.98
CA LYS B 65 5.66 1.01 -28.32
C LYS B 65 6.05 -0.46 -28.44
N GLY B 66 5.09 -1.30 -28.83
CA GLY B 66 5.34 -2.72 -28.96
C GLY B 66 5.15 -3.50 -27.66
N LYS B 67 4.90 -2.78 -26.57
CA LYS B 67 4.54 -3.41 -25.30
C LYS B 67 3.04 -3.24 -25.11
N ALA B 68 2.56 -2.03 -25.30
CA ALA B 68 1.14 -1.72 -25.12
C ALA B 68 0.40 -1.56 -26.44
N THR B 69 -0.84 -2.03 -26.48
CA THR B 69 -1.72 -1.84 -27.61
C THR B 69 -3.10 -1.44 -27.09
N PHE B 70 -3.60 -0.28 -27.55
CA PHE B 70 -4.91 0.19 -27.11
C PHE B 70 -6.00 -0.12 -28.12
N THR B 71 -7.17 -0.48 -27.60
CA THR B 71 -8.37 -0.58 -28.41
C THR B 71 -9.54 0.01 -27.62
N ALA B 72 -10.65 0.28 -28.31
CA ALA B 72 -11.82 0.84 -27.65
C ALA B 72 -13.09 0.41 -28.33
N ASP B 73 -14.08 0.07 -27.53
CA ASP B 73 -15.36 -0.42 -28.01
C ASP B 73 -16.45 0.57 -27.59
N THR B 74 -16.90 1.38 -28.55
CA THR B 74 -17.89 2.41 -28.24
C THR B 74 -19.25 1.83 -27.89
N SER B 75 -19.52 0.60 -28.35
CA SER B 75 -20.81 -0.02 -28.05
C SER B 75 -20.91 -0.43 -26.59
N SER B 76 -19.77 -0.59 -25.93
CA SER B 76 -19.80 -0.90 -24.50
C SER B 76 -19.08 0.17 -23.67
N ASN B 77 -18.69 1.27 -24.31
CA ASN B 77 -17.97 2.34 -23.61
C ASN B 77 -16.77 1.79 -22.83
N THR B 78 -16.07 0.84 -23.44
CA THR B 78 -14.91 0.23 -22.78
C THR B 78 -13.65 0.41 -23.62
N ALA B 79 -12.58 0.86 -22.96
CA ALA B 79 -11.27 0.96 -23.56
C ALA B 79 -10.43 -0.20 -23.01
N TYR B 80 -9.50 -0.69 -23.82
CA TYR B 80 -8.64 -1.80 -23.43
C TYR B 80 -7.17 -1.48 -23.64
N MET B 81 -6.32 -1.97 -22.74
CA MET B 81 -4.89 -1.96 -22.99
C MET B 81 -4.36 -3.36 -22.91
N GLN B 82 -3.69 -3.79 -23.98
CA GLN B 82 -3.07 -5.08 -23.98
C GLN B 82 -1.58 -4.91 -23.80
N LEU B 83 -1.01 -5.64 -22.86
CA LEU B 83 0.42 -5.66 -22.63
C LEU B 83 0.91 -7.03 -23.04
N SER B 84 1.83 -7.07 -24.01
CA SER B 84 2.28 -8.34 -24.53
C SER B 84 3.71 -8.63 -24.10
N SER B 85 4.16 -9.85 -24.37
CA SER B 85 5.52 -10.30 -24.06
C SER B 85 5.93 -9.93 -22.64
N LEU B 86 5.10 -10.32 -21.66
CA LEU B 86 5.26 -9.82 -20.31
C LEU B 86 6.55 -10.27 -19.64
N THR B 87 7.13 -9.36 -18.86
CA THR B 87 8.29 -9.68 -18.03
C THR B 87 8.03 -9.11 -16.65
N SER B 88 8.91 -9.41 -15.70
CA SER B 88 8.73 -8.90 -14.35
C SER B 88 8.72 -7.37 -14.29
N GLU B 89 9.34 -6.74 -15.28
CA GLU B 89 9.33 -5.29 -15.37
C GLU B 89 7.92 -4.74 -15.57
N ASP B 90 7.01 -5.59 -16.03
CA ASP B 90 5.63 -5.17 -16.31
C ASP B 90 4.73 -5.33 -15.10
N SER B 91 5.25 -5.94 -14.03
CA SER B 91 4.47 -6.03 -12.80
C SER B 91 4.29 -4.62 -12.27
N ALA B 92 3.03 -4.24 -12.06
CA ALA B 92 2.71 -2.87 -11.69
C ALA B 92 1.23 -2.72 -11.45
N VAL B 93 0.84 -1.56 -10.94
CA VAL B 93 -0.56 -1.16 -10.96
C VAL B 93 -0.74 -0.24 -12.17
N TYR B 94 -1.75 -0.53 -12.97
CA TYR B 94 -2.05 0.24 -14.17
C TYR B 94 -3.34 0.99 -13.99
N TYR B 95 -3.33 2.27 -14.35
CA TYR B 95 -4.52 3.11 -14.24
C TYR B 95 -4.97 3.55 -15.61
N CYS B 96 -6.28 3.63 -15.81
CA CYS B 96 -6.78 4.49 -16.89
C CYS B 96 -7.17 5.83 -16.28
N ALA B 97 -7.15 6.87 -17.08
CA ALA B 97 -7.49 8.19 -16.60
C ALA B 97 -8.04 9.02 -17.75
N ARG B 98 -8.55 10.20 -17.43
CA ARG B 98 -9.20 11.00 -18.45
C ARG B 98 -9.19 12.46 -18.06
N GLY B 99 -8.95 13.32 -19.03
CA GLY B 99 -9.02 14.76 -18.81
C GLY B 99 -9.96 15.40 -19.81
N TYR B 100 -9.58 16.58 -20.30
CA TYR B 100 -10.47 17.32 -21.18
C TYR B 100 -9.93 17.44 -22.61
N TYR B 101 -9.71 18.66 -23.10
CA TYR B 101 -9.38 18.80 -24.50
C TYR B 101 -7.92 19.15 -24.74
N GLY B 102 -7.32 18.49 -25.73
CA GLY B 102 -5.91 18.66 -26.02
C GLY B 102 -5.03 18.24 -24.86
N PRO B 103 -3.79 18.70 -24.84
CA PRO B 103 -2.93 18.43 -23.67
C PRO B 103 -3.69 18.87 -22.43
N THR B 104 -3.79 17.99 -21.43
CA THR B 104 -4.75 18.22 -20.37
C THR B 104 -4.25 17.68 -19.03
N TRP B 105 -5.11 17.79 -18.02
CA TRP B 105 -4.86 17.26 -16.70
C TRP B 105 -5.72 16.02 -16.53
N PHE B 106 -5.33 15.14 -15.63
CA PHE B 106 -6.06 13.88 -15.48
C PHE B 106 -7.07 14.01 -14.33
N ALA B 107 -8.27 14.46 -14.68
CA ALA B 107 -9.30 14.76 -13.69
C ALA B 107 -9.94 13.50 -13.10
N TYR B 108 -10.01 12.45 -13.90
CA TYR B 108 -10.67 11.21 -13.49
C TYR B 108 -9.71 10.06 -13.60
N TRP B 109 -9.75 9.17 -12.60
CA TRP B 109 -8.87 8.01 -12.60
C TRP B 109 -9.68 6.76 -12.31
N GLY B 110 -9.34 5.66 -12.97
CA GLY B 110 -9.85 4.36 -12.56
C GLY B 110 -9.26 3.96 -11.22
N GLN B 111 -9.74 2.85 -10.68
CA GLN B 111 -9.27 2.39 -9.36
C GLN B 111 -7.95 1.64 -9.44
N GLY B 112 -7.46 1.41 -10.65
CA GLY B 112 -6.20 0.71 -10.84
C GLY B 112 -6.39 -0.79 -10.98
N THR B 113 -5.47 -1.42 -11.70
CA THR B 113 -5.48 -2.86 -11.90
C THR B 113 -4.07 -3.37 -11.63
N LEU B 114 -3.95 -4.25 -10.64
CA LEU B 114 -2.67 -4.87 -10.30
C LEU B 114 -2.39 -6.01 -11.25
N VAL B 115 -1.23 -5.97 -11.88
CA VAL B 115 -0.74 -7.05 -12.72
C VAL B 115 0.54 -7.60 -12.11
N THR B 116 0.54 -8.90 -11.82
CA THR B 116 1.76 -9.58 -11.40
C THR B 116 2.23 -10.48 -12.52
N VAL B 117 3.48 -10.33 -12.91
CA VAL B 117 4.10 -11.23 -13.90
C VAL B 117 5.07 -12.14 -13.17
N SER B 118 4.77 -13.43 -13.16
CA SER B 118 5.57 -14.38 -12.41
C SER B 118 5.31 -15.80 -12.88
N SER B 119 6.31 -16.65 -12.72
CA SER B 119 6.14 -18.05 -13.09
C SER B 119 5.60 -18.85 -11.89
N ALA B 120 5.52 -18.20 -10.73
CA ALA B 120 5.10 -18.89 -9.50
C ALA B 120 3.64 -19.26 -9.52
N LYS B 121 3.28 -20.34 -8.84
CA LYS B 121 1.91 -20.79 -8.93
C LYS B 121 0.99 -20.22 -7.85
N THR B 122 -0.27 -20.05 -8.22
CA THR B 122 -1.30 -19.55 -7.31
C THR B 122 -1.45 -20.53 -6.15
N THR B 123 -1.44 -19.99 -4.93
CA THR B 123 -1.46 -20.83 -3.73
C THR B 123 -2.38 -20.18 -2.70
N ALA B 124 -3.27 -20.96 -2.08
CA ALA B 124 -4.20 -20.42 -1.09
C ALA B 124 -3.49 -20.18 0.23
N PRO B 125 -3.93 -19.15 0.97
CA PRO B 125 -3.30 -18.83 2.25
C PRO B 125 -3.71 -19.81 3.35
N SER B 126 -2.84 -19.96 4.33
CA SER B 126 -3.21 -20.53 5.62
C SER B 126 -3.44 -19.35 6.55
N VAL B 127 -4.47 -19.43 7.37
CA VAL B 127 -4.84 -18.31 8.25
C VAL B 127 -4.75 -18.78 9.69
N TYR B 128 -3.95 -18.10 10.49
CA TYR B 128 -3.71 -18.51 11.86
C TYR B 128 -4.18 -17.46 12.84
N PRO B 129 -4.93 -17.87 13.86
CA PRO B 129 -5.33 -16.92 14.90
C PRO B 129 -4.14 -16.61 15.80
N LEU B 130 -4.00 -15.34 16.18
CA LEU B 130 -2.99 -14.93 17.13
C LEU B 130 -3.65 -14.49 18.43
N ALA B 131 -3.67 -15.39 19.40
CA ALA B 131 -4.24 -15.09 20.70
C ALA B 131 -3.13 -14.73 21.66
N PRO B 132 -3.43 -13.88 22.65
CA PRO B 132 -2.43 -13.41 23.59
C PRO B 132 -1.80 -14.55 24.39
N VAL B 133 -0.58 -14.33 24.85
CA VAL B 133 0.10 -15.30 25.70
C VAL B 133 -0.80 -15.67 26.88
N CYS B 134 -0.66 -16.91 27.36
CA CYS B 134 -1.45 -17.38 28.49
C CYS B 134 -1.33 -16.44 29.68
N GLY B 135 -2.32 -16.50 30.58
CA GLY B 135 -2.33 -15.63 31.74
C GLY B 135 -3.12 -14.39 31.46
N ASP B 136 -2.84 -13.32 32.20
CA ASP B 136 -3.54 -12.06 32.01
C ASP B 136 -2.90 -11.21 30.91
N THR B 137 -3.53 -10.08 30.64
CA THR B 137 -3.04 -9.15 29.62
C THR B 137 -2.83 -7.76 30.22
N THR B 138 -1.76 -7.10 29.80
CA THR B 138 -1.45 -5.75 30.25
C THR B 138 -2.66 -4.82 30.20
N GLY B 139 -3.01 -4.24 31.35
CA GLY B 139 -4.03 -3.22 31.40
C GLY B 139 -5.47 -3.66 31.15
N SER B 140 -6.24 -2.74 30.57
CA SER B 140 -7.66 -2.97 30.32
C SER B 140 -7.94 -3.16 28.83
N SER B 141 -6.87 -3.24 28.05
CA SER B 141 -7.00 -3.54 26.62
C SER B 141 -6.27 -4.82 26.26
N VAL B 142 -6.67 -5.42 25.15
CA VAL B 142 -6.03 -6.63 24.68
C VAL B 142 -5.79 -6.51 23.18
N THR B 143 -4.66 -7.04 22.74
CA THR B 143 -4.32 -7.03 21.32
C THR B 143 -4.37 -8.46 20.80
N LEU B 144 -5.13 -8.65 19.73
CA LEU B 144 -5.24 -9.93 19.08
C LEU B 144 -4.66 -9.79 17.68
N GLY B 145 -4.43 -10.91 17.02
CA GLY B 145 -3.86 -10.86 15.69
C GLY B 145 -4.33 -11.98 14.78
N CYS B 146 -3.94 -11.84 13.52
CA CYS B 146 -4.28 -12.80 12.49
CA CYS B 146 -4.28 -12.81 12.49
C CYS B 146 -3.07 -12.89 11.56
N LEU B 147 -2.57 -14.10 11.33
CA LEU B 147 -1.40 -14.28 10.48
C LEU B 147 -1.82 -14.99 9.20
N VAL B 148 -1.50 -14.41 8.06
CA VAL B 148 -1.91 -14.98 6.78
C VAL B 148 -0.67 -15.39 5.99
N LYS B 149 -0.48 -16.69 5.81
CA LYS B 149 0.81 -17.20 5.37
C LYS B 149 0.69 -18.13 4.16
N GLY B 150 1.66 -18.05 3.26
CA GLY B 150 1.80 -19.04 2.20
C GLY B 150 0.89 -18.85 1.00
N TYR B 151 0.62 -17.61 0.62
CA TYR B 151 -0.25 -17.39 -0.52
C TYR B 151 0.45 -16.72 -1.70
N PHE B 152 -0.13 -16.88 -2.88
CA PHE B 152 0.33 -16.20 -4.09
C PHE B 152 -0.82 -16.20 -5.09
N PRO B 153 -1.04 -15.10 -5.82
CA PRO B 153 -0.35 -13.80 -5.78
C PRO B 153 -1.15 -12.87 -4.90
N GLU B 154 -0.75 -11.59 -4.86
CA GLU B 154 -1.57 -10.57 -4.24
C GLU B 154 -2.83 -10.36 -5.06
N PRO B 155 -3.90 -9.88 -4.43
CA PRO B 155 -3.98 -9.43 -3.04
C PRO B 155 -4.78 -10.39 -2.18
N VAL B 156 -4.73 -10.13 -0.88
CA VAL B 156 -5.74 -10.69 0.02
C VAL B 156 -6.44 -9.52 0.66
N THR B 157 -7.65 -9.78 1.16
CA THR B 157 -8.34 -8.81 1.97
C THR B 157 -8.45 -9.39 3.37
N LEU B 158 -8.38 -8.52 4.37
CA LEU B 158 -8.53 -8.99 5.74
C LEU B 158 -9.35 -7.97 6.49
N THR B 159 -10.40 -8.44 7.15
CA THR B 159 -11.23 -7.58 7.99
C THR B 159 -11.47 -8.29 9.31
N TRP B 160 -12.10 -7.59 10.25
CA TRP B 160 -12.40 -8.15 11.56
C TRP B 160 -13.89 -8.07 11.82
N ASN B 161 -14.47 -9.18 12.28
CA ASN B 161 -15.91 -9.28 12.47
C ASN B 161 -16.68 -8.75 11.27
N SER B 162 -16.24 -9.18 10.09
CA SER B 162 -16.91 -8.86 8.84
C SER B 162 -17.02 -7.36 8.62
N GLY B 163 -16.05 -6.62 9.15
CA GLY B 163 -15.98 -5.18 8.99
C GLY B 163 -16.56 -4.35 10.13
N SER B 164 -17.25 -4.99 11.06
CA SER B 164 -17.87 -4.29 12.18
C SER B 164 -16.83 -3.75 13.14
N LEU B 165 -15.66 -4.40 13.14
CA LEU B 165 -14.56 -4.01 14.02
C LEU B 165 -13.49 -3.40 13.16
N SER B 166 -13.40 -2.07 13.19
CA SER B 166 -12.53 -1.35 12.27
C SER B 166 -11.59 -0.41 13.02
N SER B 167 -11.98 -0.02 14.23
CA SER B 167 -11.10 0.81 15.04
C SER B 167 -10.03 -0.05 15.70
N GLY B 168 -8.83 0.51 15.84
CA GLY B 168 -7.76 -0.16 16.56
C GLY B 168 -7.14 -1.29 15.76
N VAL B 169 -7.34 -1.26 14.45
CA VAL B 169 -6.81 -2.28 13.55
C VAL B 169 -5.59 -1.79 12.79
N HIS B 170 -4.58 -2.65 12.69
CA HIS B 170 -3.45 -2.39 11.79
C HIS B 170 -3.28 -3.61 10.89
N THR B 171 -3.32 -3.40 9.59
CA THR B 171 -3.06 -4.48 8.66
C THR B 171 -1.77 -4.19 7.91
N PHE B 172 -0.84 -5.13 7.98
CA PHE B 172 0.50 -4.90 7.51
C PHE B 172 0.66 -5.38 6.08
N PRO B 173 1.27 -4.54 5.24
CA PRO B 173 1.44 -4.89 3.83
C PRO B 173 2.13 -6.25 3.68
N ALA B 174 1.71 -7.01 2.67
CA ALA B 174 2.27 -8.33 2.45
C ALA B 174 3.74 -8.25 2.07
N VAL B 175 4.51 -9.25 2.49
CA VAL B 175 5.91 -9.36 2.12
C VAL B 175 6.16 -10.70 1.43
N LEU B 176 6.91 -10.66 0.33
CA LEU B 176 7.17 -11.83 -0.47
C LEU B 176 8.45 -12.53 -0.03
N GLN B 177 8.37 -13.83 0.19
CA GLN B 177 9.56 -14.65 0.44
C GLN B 177 9.41 -16.00 -0.25
N SER B 178 10.34 -16.31 -1.15
CA SER B 178 10.31 -17.59 -1.85
C SER B 178 8.97 -17.85 -2.54
N ASP B 179 8.51 -16.85 -3.29
CA ASP B 179 7.27 -16.99 -4.07
C ASP B 179 5.98 -17.16 -3.26
N LEU B 180 6.05 -16.85 -1.98
CA LEU B 180 4.85 -16.84 -1.15
C LEU B 180 4.80 -15.59 -0.28
N TYR B 181 3.59 -15.06 -0.12
CA TYR B 181 3.40 -13.85 0.67
C TYR B 181 2.98 -14.18 2.09
N THR B 182 3.35 -13.28 3.00
CA THR B 182 2.87 -13.32 4.36
C THR B 182 2.29 -11.97 4.67
N LEU B 183 1.13 -11.96 5.31
CA LEU B 183 0.50 -10.73 5.75
C LEU B 183 0.01 -10.97 7.18
N SER B 184 -0.15 -9.89 7.94
CA SER B 184 -0.64 -10.02 9.31
C SER B 184 -1.47 -8.81 9.64
N SER B 185 -2.27 -8.92 10.69
CA SER B 185 -3.09 -7.81 11.13
C SER B 185 -3.25 -7.89 12.64
N SER B 186 -3.24 -6.73 13.30
CA SER B 186 -3.48 -6.66 14.73
C SER B 186 -4.76 -5.89 14.99
N VAL B 187 -5.45 -6.23 16.08
CA VAL B 187 -6.61 -5.46 16.49
C VAL B 187 -6.58 -5.33 18.01
N THR B 188 -6.81 -4.11 18.49
CA THR B 188 -6.80 -3.87 19.93
C THR B 188 -8.19 -3.46 20.40
N VAL B 189 -8.68 -4.12 21.45
CA VAL B 189 -10.02 -3.85 21.96
C VAL B 189 -9.97 -3.84 23.49
N THR B 190 -11.05 -3.39 24.12
CA THR B 190 -11.10 -3.37 25.57
C THR B 190 -11.25 -4.79 26.11
N SER B 191 -10.58 -5.06 27.22
CA SER B 191 -10.65 -6.37 27.86
C SER B 191 -12.09 -6.74 28.20
N SER B 192 -12.94 -5.74 28.40
CA SER B 192 -14.33 -6.00 28.74
C SER B 192 -15.09 -6.67 27.60
N THR B 193 -14.56 -6.56 26.39
CA THR B 193 -15.27 -7.05 25.23
C THR B 193 -14.71 -8.34 24.64
N TRP B 194 -13.52 -8.73 25.10
CA TRP B 194 -12.94 -10.00 24.66
C TRP B 194 -12.23 -10.68 25.82
N PRO B 195 -12.43 -12.00 25.98
CA PRO B 195 -13.13 -12.91 25.06
C PRO B 195 -14.64 -13.02 25.24
N SER B 196 -15.25 -12.12 26.00
CA SER B 196 -16.68 -12.22 26.26
C SER B 196 -17.52 -12.11 24.99
N GLN B 197 -17.01 -11.34 24.03
CA GLN B 197 -17.65 -11.23 22.73
C GLN B 197 -16.69 -11.76 21.69
N SER B 198 -17.21 -12.38 20.64
CA SER B 198 -16.36 -13.03 19.66
C SER B 198 -15.67 -12.04 18.72
N ILE B 199 -14.43 -12.34 18.42
CA ILE B 199 -13.66 -11.59 17.45
C ILE B 199 -13.08 -12.58 16.46
N THR B 200 -13.34 -12.31 15.19
CA THR B 200 -12.98 -13.22 14.12
C THR B 200 -12.32 -12.44 13.00
N CYS B 201 -11.23 -12.99 12.50
CA CYS B 201 -10.64 -12.36 11.33
CA CYS B 201 -10.51 -12.49 11.34
C CYS B 201 -11.15 -13.05 10.06
N ASN B 202 -11.48 -12.21 9.09
CA ASN B 202 -12.05 -12.68 7.83
C ASN B 202 -11.08 -12.39 6.71
N VAL B 203 -10.66 -13.44 6.02
CA VAL B 203 -9.60 -13.33 5.02
C VAL B 203 -10.11 -13.86 3.70
N ALA B 204 -9.92 -13.08 2.64
CA ALA B 204 -10.25 -13.57 1.31
C ALA B 204 -9.02 -13.53 0.43
N HIS B 205 -8.86 -14.56 -0.39
CA HIS B 205 -7.84 -14.57 -1.44
C HIS B 205 -8.55 -14.92 -2.74
N PRO B 206 -9.07 -13.91 -3.45
CA PRO B 206 -9.84 -14.16 -4.66
C PRO B 206 -9.14 -15.09 -5.67
N ALA B 207 -7.84 -14.95 -5.85
CA ALA B 207 -7.12 -15.73 -6.84
C ALA B 207 -7.29 -17.24 -6.63
N SER B 208 -7.46 -17.65 -5.39
CA SER B 208 -7.67 -19.07 -5.08
C SER B 208 -9.10 -19.35 -4.66
N SER B 209 -9.99 -18.36 -4.82
CA SER B 209 -11.37 -18.49 -4.36
C SER B 209 -11.42 -18.90 -2.89
N THR B 210 -10.54 -18.32 -2.09
CA THR B 210 -10.48 -18.59 -0.66
C THR B 210 -11.25 -17.56 0.15
N LYS B 211 -12.02 -18.03 1.12
CA LYS B 211 -12.73 -17.16 2.05
C LYS B 211 -12.72 -17.87 3.38
N VAL B 212 -11.92 -17.37 4.32
CA VAL B 212 -11.68 -18.08 5.57
C VAL B 212 -12.00 -17.19 6.75
N ASP B 213 -12.62 -17.76 7.78
CA ASP B 213 -12.86 -17.02 9.01
C ASP B 213 -12.17 -17.75 10.16
N LYS B 214 -11.37 -17.02 10.93
CA LYS B 214 -10.73 -17.64 12.07
C LYS B 214 -11.13 -16.86 13.31
N LYS B 215 -11.86 -17.53 14.19
CA LYS B 215 -12.25 -16.92 15.46
C LYS B 215 -11.04 -16.96 16.39
N ILE B 216 -10.76 -15.84 17.04
CA ILE B 216 -9.65 -15.81 17.98
C ILE B 216 -10.13 -16.35 19.32
N GLU B 217 -9.59 -17.49 19.73
CA GLU B 217 -9.96 -18.13 21.00
C GLU B 217 -8.89 -17.89 22.05
N PRO B 218 -9.31 -17.72 23.32
CA PRO B 218 -8.33 -17.59 24.40
C PRO B 218 -7.54 -18.88 24.58
N ARG B 219 -6.27 -18.75 24.95
CA ARG B 219 -5.42 -19.92 25.19
C ARG B 219 -5.74 -20.54 26.55
C1 GOL C . -11.44 19.80 -11.08
O1 GOL C . -11.88 18.46 -11.05
C2 GOL C . -12.13 20.51 -12.24
O2 GOL C . -13.27 19.77 -12.61
C3 GOL C . -11.19 20.59 -13.44
O3 GOL C . -11.24 19.38 -14.17
C1 GOL D . 3.71 33.55 -9.74
O1 GOL D . 4.56 32.49 -9.35
C2 GOL D . 3.62 33.54 -11.26
O2 GOL D . 4.63 32.68 -11.74
C3 GOL D . 3.87 34.94 -11.82
O3 GOL D . 3.65 34.90 -13.22
C1 GOL E . -3.38 -7.24 1.01
O1 GOL E . -2.94 -7.63 -0.28
C2 GOL E . -2.51 -6.15 1.63
O2 GOL E . -3.30 -5.12 2.17
C3 GOL E . -1.54 -5.58 0.62
O3 GOL E . -0.32 -6.29 0.77
C1 GOL F . 0.09 21.95 -22.06
O1 GOL F . -0.78 22.82 -22.76
C2 GOL F . -0.58 21.49 -20.76
O2 GOL F . -1.90 22.00 -20.74
C3 GOL F . -0.61 19.97 -20.76
O3 GOL F . -1.20 19.45 -19.60
#